data_5DUU
#
_entry.id   5DUU
#
_cell.length_a   63.238
_cell.length_b   64.533
_cell.length_c   64.685
_cell.angle_alpha   90.000
_cell.angle_beta   90.880
_cell.angle_gamma   90.000
#
_symmetry.space_group_name_H-M   'P 1 21 1'
#
loop_
_entity.id
_entity.type
_entity.pdbx_description
1 polymer Galectin-4
2 non-polymer GLYCEROL
3 water water
#
_entity_poly.entity_id   1
_entity_poly.type   'polypeptide(L)'
_entity_poly.pdbx_seq_one_letter_code
;MAYVPAPGYQPTYNPTLPYYQPIPGGLNVGMSVYIQGVASEHMKRFFVNFVVGQDPGSDVAFHFNPRFDGWDKVVFNTLQ
GGKWGSEERKRSMPFKKGAAFELVFIVLAEHYKVVVNGNPFYEYGHRLPLQMVTHLQVDGDLQLQSINFIGGQPL
;
_entity_poly.pdbx_strand_id   A,B,C,D
#
loop_
_chem_comp.id
_chem_comp.type
_chem_comp.name
_chem_comp.formula
GOL non-polymer GLYCEROL 'C3 H8 O3'
#
# COMPACT_ATOMS: atom_id res chain seq x y z
N PRO A 15 -6.20 5.27 -34.65
CA PRO A 15 -4.98 5.28 -33.87
C PRO A 15 -4.69 3.94 -33.21
N THR A 16 -3.41 3.71 -32.95
CA THR A 16 -2.94 2.45 -32.39
C THR A 16 -2.43 2.67 -30.98
N LEU A 17 -2.47 1.60 -30.19
CA LEU A 17 -1.97 1.62 -28.81
C LEU A 17 -0.57 0.99 -28.73
N PRO A 18 0.31 1.50 -27.88
CA PRO A 18 0.02 2.65 -27.01
C PRO A 18 0.00 3.95 -27.79
N TYR A 19 -0.84 4.85 -27.33
CA TYR A 19 -1.00 6.16 -27.93
C TYR A 19 -0.31 7.18 -27.03
N TYR A 20 0.56 7.98 -27.61
CA TYR A 20 1.32 8.96 -26.86
C TYR A 20 1.67 10.07 -27.84
N GLN A 21 0.83 11.10 -27.86
CA GLN A 21 0.88 12.11 -28.92
C GLN A 21 0.78 13.53 -28.39
N PRO A 22 1.43 14.47 -29.09
CA PRO A 22 1.33 15.85 -28.66
C PRO A 22 -0.07 16.38 -28.84
N ILE A 23 -0.50 17.17 -27.86
CA ILE A 23 -1.74 17.91 -27.98
C ILE A 23 -1.47 19.17 -28.82
N PRO A 24 -2.14 19.32 -29.97
CA PRO A 24 -1.87 20.48 -30.84
C PRO A 24 -2.11 21.81 -30.15
N GLY A 25 -1.04 22.58 -30.03
CA GLY A 25 -1.11 23.90 -29.38
C GLY A 25 -1.12 23.81 -27.87
N GLY A 26 -0.86 22.62 -27.35
CA GLY A 26 -0.82 22.43 -25.92
C GLY A 26 -2.22 22.49 -25.37
N LEU A 27 -2.32 22.14 -24.11
CA LEU A 27 -3.60 22.17 -23.43
C LEU A 27 -3.98 23.61 -23.09
N ASN A 28 -5.24 23.96 -23.29
CA ASN A 28 -5.79 25.27 -22.89
C ASN A 28 -7.17 25.18 -22.33
N VAL A 29 -7.52 26.17 -21.51
CA VAL A 29 -8.87 26.28 -20.97
C VAL A 29 -9.83 26.44 -22.14
N GLY A 30 -10.98 25.77 -22.04
CA GLY A 30 -11.97 25.71 -23.14
C GLY A 30 -11.85 24.50 -24.08
N MET A 31 -10.70 23.86 -24.05
CA MET A 31 -10.46 22.70 -24.90
C MET A 31 -11.20 21.47 -24.37
N SER A 32 -11.63 20.61 -25.28
CA SER A 32 -12.14 19.27 -24.95
C SER A 32 -11.33 18.20 -25.65
N VAL A 33 -11.13 17.09 -24.95
CA VAL A 33 -10.53 15.89 -25.53
C VAL A 33 -11.61 14.83 -25.61
N TYR A 34 -11.85 14.35 -26.82
CA TYR A 34 -12.94 13.42 -27.09
C TYR A 34 -12.36 12.11 -27.56
N ILE A 35 -12.55 11.09 -26.75
CA ILE A 35 -11.99 9.76 -27.03
C ILE A 35 -13.13 8.79 -27.29
N GLN A 36 -13.07 8.11 -28.42
CA GLN A 36 -14.00 7.04 -28.69
C GLN A 36 -13.24 5.76 -28.79
N GLY A 37 -13.64 4.81 -27.96
CA GLY A 37 -12.99 3.50 -27.92
C GLY A 37 -13.95 2.39 -27.58
N VAL A 38 -13.40 1.19 -27.50
CA VAL A 38 -14.13 0.01 -27.05
C VAL A 38 -13.34 -0.63 -25.92
N ALA A 39 -13.98 -0.74 -24.76
CA ALA A 39 -13.35 -1.43 -23.63
C ALA A 39 -13.19 -2.90 -23.99
N SER A 40 -12.04 -3.46 -23.67
CA SER A 40 -11.80 -4.88 -23.96
C SER A 40 -12.80 -5.78 -23.24
N GLU A 41 -13.18 -6.88 -23.90
CA GLU A 41 -14.01 -7.92 -23.26
C GLU A 41 -13.32 -8.42 -21.99
N HIS A 42 -11.99 -8.41 -22.02
CA HIS A 42 -11.15 -8.87 -20.90
C HIS A 42 -10.47 -7.73 -20.11
N MET A 43 -11.10 -6.57 -20.08
CA MET A 43 -10.50 -5.38 -19.44
C MET A 43 -10.27 -5.54 -17.93
N LYS A 44 -9.04 -5.27 -17.50
CA LYS A 44 -8.73 -5.06 -16.06
C LYS A 44 -8.62 -3.54 -15.77
N ARG A 45 -7.81 -2.88 -16.60
CA ARG A 45 -7.56 -1.43 -16.47
C ARG A 45 -7.20 -0.78 -17.81
N PHE A 46 -7.46 0.50 -17.90
CA PHE A 46 -6.79 1.34 -18.88
C PHE A 46 -6.58 2.71 -18.26
N PHE A 47 -5.75 3.50 -18.90
CA PHE A 47 -5.49 4.83 -18.40
C PHE A 47 -5.40 5.86 -19.52
N VAL A 48 -5.73 7.08 -19.15
CA VAL A 48 -5.53 8.28 -19.94
C VAL A 48 -4.71 9.25 -19.08
N ASN A 49 -3.56 9.62 -19.61
CA ASN A 49 -2.64 10.55 -18.95
C ASN A 49 -2.47 11.86 -19.73
N PHE A 50 -2.58 12.97 -19.02
CA PHE A 50 -2.21 14.28 -19.51
C PHE A 50 -0.80 14.54 -19.02
N VAL A 51 0.15 14.48 -19.96
CA VAL A 51 1.58 14.39 -19.65
C VAL A 51 2.36 15.66 -19.97
N VAL A 52 3.27 15.99 -19.05
CA VAL A 52 4.17 17.15 -19.18
C VAL A 52 5.47 16.66 -19.84
N GLY A 53 5.45 16.70 -21.15
CA GLY A 53 6.63 16.35 -21.95
C GLY A 53 6.61 14.91 -22.43
N GLN A 54 7.70 14.51 -23.09
CA GLN A 54 7.88 13.14 -23.59
C GLN A 54 9.20 12.50 -23.12
N ASP A 55 9.88 13.13 -22.16
CA ASP A 55 11.11 12.57 -21.59
C ASP A 55 10.78 11.44 -20.64
N PRO A 56 11.69 10.46 -20.48
CA PRO A 56 11.46 9.47 -19.43
C PRO A 56 11.26 10.14 -18.07
N GLY A 57 10.29 9.66 -17.31
CA GLY A 57 10.01 10.23 -15.99
C GLY A 57 9.21 11.53 -15.99
N SER A 58 8.61 11.86 -17.14
CA SER A 58 7.73 13.03 -17.21
C SER A 58 6.63 13.06 -16.14
N ASP A 59 6.33 14.27 -15.65
CA ASP A 59 5.19 14.46 -14.76
C ASP A 59 3.88 14.15 -15.51
N VAL A 60 2.92 13.61 -14.77
CA VAL A 60 1.56 13.43 -15.28
C VAL A 60 0.63 14.34 -14.53
N ALA A 61 0.18 15.40 -15.20
CA ALA A 61 -0.77 16.37 -14.57
C ALA A 61 -2.08 15.71 -14.11
N PHE A 62 -2.57 14.80 -14.93
CA PHE A 62 -3.84 14.14 -14.68
C PHE A 62 -3.78 12.72 -15.25
N HIS A 63 -3.93 11.77 -14.33
CA HIS A 63 -4.03 10.32 -14.56
C HIS A 63 -5.46 9.84 -14.27
N PHE A 64 -6.12 9.33 -15.30
CA PHE A 64 -7.50 8.86 -15.26
C PHE A 64 -7.46 7.36 -15.50
N ASN A 65 -7.89 6.58 -14.50
CA ASN A 65 -7.57 5.15 -14.44
C ASN A 65 -8.74 4.28 -13.99
N PRO A 66 -9.64 3.90 -14.92
CA PRO A 66 -10.69 2.93 -14.59
C PRO A 66 -10.11 1.56 -14.27
N ARG A 67 -10.65 0.95 -13.23
CA ARG A 67 -10.19 -0.35 -12.75
C ARG A 67 -11.34 -1.33 -12.45
N PHE A 68 -11.23 -2.53 -13.01
CA PHE A 68 -12.18 -3.63 -12.72
C PHE A 68 -11.68 -4.61 -11.67
N ASP A 69 -10.42 -4.46 -11.27
CA ASP A 69 -9.88 -5.28 -10.18
C ASP A 69 -10.51 -4.82 -8.84
N GLY A 70 -11.22 -5.74 -8.20
CA GLY A 70 -11.91 -5.46 -6.94
C GLY A 70 -13.23 -4.75 -7.17
N TRP A 71 -13.56 -3.87 -6.23
CA TRP A 71 -14.75 -3.05 -6.33
C TRP A 71 -14.55 -2.07 -7.49
N ASP A 72 -15.37 -2.21 -8.52
CA ASP A 72 -15.18 -1.47 -9.77
C ASP A 72 -15.14 0.02 -9.49
N LYS A 73 -14.11 0.68 -10.01
CA LYS A 73 -13.92 2.09 -9.72
C LYS A 73 -13.05 2.82 -10.74
N VAL A 74 -12.98 4.13 -10.57
CA VAL A 74 -12.06 4.96 -11.33
C VAL A 74 -11.18 5.73 -10.36
N VAL A 75 -9.89 5.66 -10.62
CA VAL A 75 -8.89 6.36 -9.83
C VAL A 75 -8.42 7.59 -10.59
N PHE A 76 -8.20 8.67 -9.86
CA PHE A 76 -7.71 9.94 -10.39
C PHE A 76 -6.51 10.40 -9.58
N ASN A 77 -5.41 10.76 -10.25
CA ASN A 77 -4.21 11.21 -9.52
C ASN A 77 -3.30 12.06 -10.43
N THR A 78 -2.23 12.52 -9.79
CA THR A 78 -1.19 13.32 -10.40
C THR A 78 0.18 12.71 -9.99
N LEU A 79 1.06 12.63 -10.97
CA LEU A 79 2.47 12.21 -10.77
C LEU A 79 3.36 13.41 -10.93
N GLN A 80 4.03 13.80 -9.86
CA GLN A 80 4.92 14.96 -9.90
C GLN A 80 6.23 14.64 -9.19
N GLY A 81 7.33 14.90 -9.89
CA GLY A 81 8.67 14.59 -9.38
C GLY A 81 8.79 13.14 -8.94
N GLY A 82 8.25 12.24 -9.75
CA GLY A 82 8.36 10.79 -9.52
C GLY A 82 7.46 10.24 -8.43
N LYS A 83 6.61 11.09 -7.87
CA LYS A 83 5.76 10.74 -6.75
C LYS A 83 4.28 10.85 -7.09
N TRP A 84 3.54 9.77 -6.88
CA TRP A 84 2.08 9.81 -6.98
C TRP A 84 1.52 10.60 -5.80
N GLY A 85 0.56 11.46 -6.08
CA GLY A 85 -0.10 12.22 -5.04
C GLY A 85 -1.18 11.42 -4.33
N SER A 86 -2.04 12.10 -3.61
CA SER A 86 -3.18 11.45 -2.94
C SER A 86 -4.26 11.10 -3.95
N GLU A 87 -4.60 9.82 -4.00
CA GLU A 87 -5.55 9.31 -4.99
C GLU A 87 -6.95 9.81 -4.72
N GLU A 88 -7.62 10.25 -5.76
CA GLU A 88 -9.05 10.46 -5.69
C GLU A 88 -9.69 9.25 -6.33
N ARG A 89 -10.88 8.90 -5.88
CA ARG A 89 -11.56 7.68 -6.32
C ARG A 89 -13.03 7.90 -6.41
N LYS A 90 -13.62 7.36 -7.47
CA LYS A 90 -15.06 7.26 -7.58
C LYS A 90 -15.44 5.81 -7.77
N ARG A 91 -16.25 5.29 -6.85
CA ARG A 91 -16.64 3.88 -6.83
C ARG A 91 -17.85 3.66 -7.72
N SER A 92 -17.65 3.96 -8.99
CA SER A 92 -18.67 3.80 -10.00
C SER A 92 -17.91 3.60 -11.30
N MET A 93 -18.39 2.65 -12.11
CA MET A 93 -17.70 2.23 -13.32
C MET A 93 -18.62 2.54 -14.50
N PRO A 94 -18.30 3.59 -15.26
CA PRO A 94 -19.13 3.99 -16.39
C PRO A 94 -18.77 3.22 -17.67
N PHE A 95 -17.70 2.44 -17.62
CA PHE A 95 -17.33 1.58 -18.74
C PHE A 95 -17.91 0.18 -18.57
N LYS A 96 -17.94 -0.55 -19.67
CA LYS A 96 -18.43 -1.92 -19.68
C LYS A 96 -17.53 -2.78 -20.55
N LYS A 97 -17.13 -3.93 -20.04
CA LYS A 97 -16.28 -4.87 -20.80
C LYS A 97 -16.90 -5.19 -22.15
N GLY A 98 -16.12 -4.98 -23.19
CA GLY A 98 -16.59 -5.23 -24.56
C GLY A 98 -17.44 -4.14 -25.19
N ALA A 99 -17.76 -3.09 -24.43
CA ALA A 99 -18.65 -2.03 -24.92
C ALA A 99 -17.92 -0.77 -25.43
N ALA A 100 -18.44 -0.23 -26.51
CA ALA A 100 -17.97 1.05 -27.04
C ALA A 100 -18.26 2.16 -26.02
N PHE A 101 -17.38 3.14 -25.97
CA PHE A 101 -17.60 4.31 -25.07
C PHE A 101 -17.24 5.62 -25.73
N GLU A 102 -17.81 6.69 -25.19
CA GLU A 102 -17.45 8.06 -25.54
C GLU A 102 -16.94 8.74 -24.27
N LEU A 103 -15.67 9.16 -24.31
CA LEU A 103 -14.99 9.67 -23.13
C LEU A 103 -14.52 11.08 -23.44
N VAL A 104 -15.02 12.03 -22.68
CA VAL A 104 -14.76 13.43 -22.94
C VAL A 104 -14.16 14.07 -21.71
N PHE A 105 -13.05 14.78 -21.92
CA PHE A 105 -12.47 15.62 -20.91
C PHE A 105 -12.65 17.09 -21.29
N ILE A 106 -13.42 17.84 -20.50
CA ILE A 106 -13.59 19.29 -20.72
C ILE A 106 -12.63 20.04 -19.79
N VAL A 107 -11.68 20.75 -20.39
CA VAL A 107 -10.67 21.48 -19.64
C VAL A 107 -11.18 22.85 -19.23
N LEU A 108 -11.43 22.99 -17.93
CA LEU A 108 -11.90 24.23 -17.35
C LEU A 108 -10.84 24.84 -16.44
N ALA A 109 -11.07 26.07 -16.04
CA ALA A 109 -10.08 26.81 -15.22
C ALA A 109 -9.79 26.08 -13.91
N GLU A 110 -10.82 25.53 -13.30
CA GLU A 110 -10.69 24.92 -11.96
C GLU A 110 -10.37 23.43 -11.99
N HIS A 111 -10.82 22.76 -13.03
CA HIS A 111 -10.70 21.31 -13.09
C HIS A 111 -10.87 20.75 -14.48
N TYR A 112 -10.50 19.48 -14.61
CA TYR A 112 -10.91 18.69 -15.76
C TYR A 112 -12.28 18.15 -15.43
N LYS A 113 -13.25 18.41 -16.29
CA LYS A 113 -14.57 17.78 -16.17
C LYS A 113 -14.60 16.53 -17.05
N VAL A 114 -14.85 15.39 -16.43
CA VAL A 114 -14.93 14.11 -17.16
C VAL A 114 -16.39 13.76 -17.41
N VAL A 115 -16.70 13.45 -18.67
CA VAL A 115 -18.04 13.07 -19.10
C VAL A 115 -17.91 11.73 -19.81
N VAL A 116 -18.69 10.76 -19.37
CA VAL A 116 -18.65 9.41 -19.96
C VAL A 116 -20.01 9.01 -20.50
N ASN A 117 -20.03 8.70 -21.79
CA ASN A 117 -21.28 8.38 -22.53
C ASN A 117 -22.37 9.40 -22.26
N GLY A 118 -21.97 10.68 -22.28
CA GLY A 118 -22.90 11.80 -22.11
C GLY A 118 -23.22 12.17 -20.68
N ASN A 119 -22.78 11.36 -19.72
CA ASN A 119 -23.08 11.58 -18.29
C ASN A 119 -21.90 12.23 -17.57
N PRO A 120 -22.11 13.44 -16.97
CA PRO A 120 -21.04 14.02 -16.14
C PRO A 120 -20.61 13.06 -15.07
N PHE A 121 -19.31 12.87 -14.94
CA PHE A 121 -18.77 11.78 -14.12
C PHE A 121 -17.92 12.27 -12.95
N TYR A 122 -17.02 13.21 -13.23
CA TYR A 122 -16.09 13.66 -12.21
C TYR A 122 -15.49 15.01 -12.57
N GLU A 123 -15.09 15.77 -11.56
CA GLU A 123 -14.35 17.03 -11.73
C GLU A 123 -13.02 16.95 -10.95
N TYR A 124 -11.92 16.84 -11.69
CA TYR A 124 -10.60 16.69 -11.07
C TYR A 124 -9.86 18.01 -11.04
N GLY A 125 -9.70 18.56 -9.84
CA GLY A 125 -9.06 19.89 -9.65
C GLY A 125 -7.61 19.88 -10.08
N HIS A 126 -7.17 20.96 -10.71
CA HIS A 126 -5.78 21.03 -11.22
C HIS A 126 -4.77 21.03 -10.09
N ARG A 127 -3.77 20.18 -10.20
CA ARG A 127 -2.68 20.11 -9.23
C ARG A 127 -1.41 20.66 -9.84
N LEU A 128 -1.17 20.29 -11.10
CA LEU A 128 -0.14 20.92 -11.94
C LEU A 128 -0.83 21.91 -12.89
N PRO A 129 -0.17 23.04 -13.19
CA PRO A 129 -0.75 23.99 -14.14
C PRO A 129 -1.06 23.33 -15.48
N LEU A 130 -2.30 23.44 -15.94
CA LEU A 130 -2.75 22.70 -17.14
C LEU A 130 -1.94 23.08 -18.38
N GLN A 131 -1.45 24.31 -18.44
CA GLN A 131 -0.64 24.76 -19.60
C GLN A 131 0.69 24.05 -19.74
N MET A 132 1.12 23.33 -18.71
CA MET A 132 2.35 22.52 -18.80
C MET A 132 2.16 21.22 -19.57
N VAL A 133 0.91 20.82 -19.74
CA VAL A 133 0.61 19.59 -20.46
C VAL A 133 0.92 19.74 -21.94
N THR A 134 1.67 18.77 -22.46
CA THR A 134 2.05 18.76 -23.88
C THR A 134 1.53 17.55 -24.65
N HIS A 135 1.30 16.45 -23.94
CA HIS A 135 0.96 15.18 -24.56
C HIS A 135 -0.20 14.49 -23.91
N LEU A 136 -0.90 13.72 -24.72
CA LEU A 136 -1.92 12.80 -24.28
C LEU A 136 -1.41 11.37 -24.47
N GLN A 137 -1.52 10.57 -23.41
CA GLN A 137 -1.12 9.18 -23.42
C GLN A 137 -2.28 8.27 -23.04
N VAL A 138 -2.48 7.24 -23.84
CA VAL A 138 -3.58 6.30 -23.64
C VAL A 138 -3.05 4.91 -23.86
N ASP A 139 -3.35 4.03 -22.92
CA ASP A 139 -2.92 2.64 -23.02
C ASP A 139 -3.76 1.79 -22.10
N GLY A 140 -3.68 0.49 -22.36
CA GLY A 140 -4.31 -0.50 -21.51
C GLY A 140 -5.24 -1.39 -22.29
N ASP A 141 -6.25 -1.90 -21.59
CA ASP A 141 -7.14 -2.92 -22.14
C ASP A 141 -8.33 -2.35 -22.88
N LEU A 142 -8.08 -1.84 -24.07
CA LEU A 142 -9.10 -1.20 -24.91
C LEU A 142 -8.65 -1.14 -26.35
N GLN A 143 -9.60 -0.94 -27.25
CA GLN A 143 -9.33 -0.55 -28.63
C GLN A 143 -9.70 0.93 -28.81
N LEU A 144 -8.83 1.66 -29.51
CA LEU A 144 -9.08 3.09 -29.79
C LEU A 144 -9.70 3.27 -31.16
N GLN A 145 -10.84 3.94 -31.23
CA GLN A 145 -11.44 4.28 -32.52
CA GLN A 145 -11.47 4.26 -32.50
C GLN A 145 -11.00 5.65 -33.00
N SER A 146 -11.00 6.62 -32.10
CA SER A 146 -10.59 7.99 -32.44
C SER A 146 -10.26 8.82 -31.21
N ILE A 147 -9.38 9.78 -31.42
CA ILE A 147 -9.08 10.80 -30.44
C ILE A 147 -9.13 12.15 -31.14
N ASN A 148 -9.92 13.06 -30.59
CA ASN A 148 -10.10 14.39 -31.17
C ASN A 148 -9.94 15.50 -30.15
N PHE A 149 -9.28 16.56 -30.58
CA PHE A 149 -9.08 17.75 -29.76
C PHE A 149 -9.99 18.85 -30.29
N ILE A 150 -10.82 19.40 -29.40
CA ILE A 150 -11.87 20.37 -29.77
C ILE A 150 -11.76 21.67 -28.98
N GLY A 151 -11.98 22.80 -29.65
CA GLY A 151 -11.95 24.10 -28.96
C GLY A 151 -10.57 24.56 -28.49
N GLY A 152 -9.52 24.21 -29.23
CA GLY A 152 -8.15 24.54 -28.85
C GLY A 152 -7.78 26.02 -28.98
N PRO B 15 26.25 12.74 -12.69
CA PRO B 15 24.84 12.74 -13.10
C PRO B 15 23.89 13.47 -12.16
N THR B 16 22.74 13.84 -12.73
CA THR B 16 21.75 14.64 -12.05
C THR B 16 20.44 13.88 -11.82
N LEU B 17 19.73 14.25 -10.76
CA LEU B 17 18.46 13.62 -10.40
C LEU B 17 17.28 14.49 -10.84
N PRO B 18 16.17 13.90 -11.26
CA PRO B 18 16.01 12.46 -11.35
C PRO B 18 16.80 11.90 -12.52
N TYR B 19 17.25 10.66 -12.33
CA TYR B 19 17.99 9.95 -13.36
C TYR B 19 17.08 8.89 -13.97
N TYR B 20 16.98 8.88 -15.28
CA TYR B 20 16.11 7.92 -15.98
C TYR B 20 16.70 7.72 -17.35
N GLN B 21 17.50 6.68 -17.50
CA GLN B 21 18.32 6.49 -18.69
C GLN B 21 18.26 5.08 -19.25
N PRO B 22 18.37 4.95 -20.59
CA PRO B 22 18.47 3.62 -21.17
C PRO B 22 19.72 2.90 -20.71
N ILE B 23 19.57 1.62 -20.43
CA ILE B 23 20.70 0.75 -20.16
C ILE B 23 21.32 0.30 -21.50
N PRO B 24 22.63 0.60 -21.74
CA PRO B 24 23.24 0.28 -23.04
C PRO B 24 23.27 -1.20 -23.33
N GLY B 25 22.59 -1.59 -24.40
CA GLY B 25 22.48 -2.99 -24.79
C GLY B 25 21.50 -3.79 -23.94
N GLY B 26 20.73 -3.11 -23.11
CA GLY B 26 19.80 -3.79 -22.22
C GLY B 26 20.54 -4.60 -21.17
N LEU B 27 19.78 -5.28 -20.32
CA LEU B 27 20.37 -6.14 -19.31
C LEU B 27 20.80 -7.45 -19.90
N ASN B 28 21.93 -7.95 -19.42
CA ASN B 28 22.30 -9.36 -19.67
C ASN B 28 22.85 -9.96 -18.43
N VAL B 29 22.74 -11.27 -18.36
CA VAL B 29 23.27 -12.02 -17.27
C VAL B 29 24.79 -11.78 -17.26
N GLY B 30 25.34 -11.58 -16.07
CA GLY B 30 26.75 -11.20 -15.89
C GLY B 30 27.03 -9.69 -15.82
N MET B 31 26.08 -8.89 -16.21
CA MET B 31 26.22 -7.44 -16.14
C MET B 31 26.08 -6.93 -14.70
N SER B 32 26.77 -5.84 -14.40
CA SER B 32 26.64 -5.15 -13.11
C SER B 32 26.28 -3.68 -13.33
N VAL B 33 25.44 -3.19 -12.43
CA VAL B 33 25.13 -1.75 -12.33
C VAL B 33 25.77 -1.23 -11.06
N TYR B 34 26.66 -0.26 -11.21
CA TYR B 34 27.45 0.24 -10.10
C TYR B 34 27.11 1.70 -9.87
N ILE B 35 26.52 1.96 -8.71
CA ILE B 35 26.04 3.30 -8.39
C ILE B 35 26.86 3.82 -7.21
N GLN B 36 27.41 5.00 -7.38
CA GLN B 36 28.04 5.68 -6.27
C GLN B 36 27.27 6.95 -5.99
N GLY B 37 26.85 7.06 -4.75
CA GLY B 37 26.11 8.23 -4.29
C GLY B 37 26.37 8.56 -2.85
N VAL B 38 25.69 9.60 -2.40
CA VAL B 38 25.71 10.02 -0.99
C VAL B 38 24.29 10.13 -0.53
N ALA B 39 23.95 9.36 0.49
CA ALA B 39 22.64 9.44 1.09
C ALA B 39 22.48 10.81 1.75
N SER B 40 21.32 11.43 1.56
CA SER B 40 21.07 12.75 2.15
C SER B 40 21.17 12.70 3.66
N GLU B 41 21.68 13.78 4.26
CA GLU B 41 21.67 13.93 5.73
C GLU B 41 20.26 13.80 6.27
N HIS B 42 19.29 14.22 5.46
CA HIS B 42 17.86 14.18 5.82
C HIS B 42 17.05 13.13 5.05
N MET B 43 17.71 12.03 4.71
CA MET B 43 17.08 11.00 3.89
C MET B 43 15.91 10.31 4.58
N LYS B 44 14.78 10.26 3.89
CA LYS B 44 13.68 9.33 4.27
CA LYS B 44 13.70 9.34 4.28
C LYS B 44 13.73 8.09 3.38
N ARG B 45 13.77 8.33 2.08
CA ARG B 45 13.81 7.25 1.07
C ARG B 45 14.57 7.63 -0.19
N PHE B 46 15.06 6.61 -0.88
CA PHE B 46 15.35 6.74 -2.31
C PHE B 46 15.07 5.41 -2.98
N PHE B 47 15.02 5.43 -4.30
CA PHE B 47 14.77 4.21 -5.04
C PHE B 47 15.61 4.09 -6.29
N VAL B 48 15.82 2.83 -6.66
CA VAL B 48 16.41 2.44 -7.93
C VAL B 48 15.42 1.48 -8.58
N ASN B 49 15.01 1.84 -9.78
CA ASN B 49 14.08 1.03 -10.58
C ASN B 49 14.72 0.53 -11.88
N PHE B 50 14.53 -0.77 -12.11
CA PHE B 50 14.84 -1.39 -13.39
C PHE B 50 13.55 -1.47 -14.18
N VAL B 51 13.47 -0.66 -15.23
CA VAL B 51 12.19 -0.36 -15.87
C VAL B 51 12.07 -0.97 -17.27
N VAL B 52 10.87 -1.48 -17.54
CA VAL B 52 10.48 -1.99 -18.86
C VAL B 52 9.87 -0.84 -19.68
N GLY B 53 10.73 -0.12 -20.37
CA GLY B 53 10.32 1.00 -21.25
C GLY B 53 10.50 2.33 -20.55
N GLN B 54 10.15 3.42 -21.21
CA GLN B 54 10.42 4.75 -20.65
C GLN B 54 9.17 5.61 -20.40
N ASP B 55 8.01 5.08 -20.79
CA ASP B 55 6.75 5.84 -20.75
C ASP B 55 6.13 5.83 -19.36
N PRO B 56 5.29 6.83 -19.03
CA PRO B 56 4.54 6.73 -17.79
C PRO B 56 3.68 5.45 -17.76
N GLY B 57 3.67 4.78 -16.63
CA GLY B 57 2.93 3.52 -16.45
C GLY B 57 3.70 2.26 -16.86
N SER B 58 4.96 2.42 -17.23
CA SER B 58 5.82 1.28 -17.54
C SER B 58 5.92 0.32 -16.35
N ASP B 59 6.04 -0.97 -16.64
CA ASP B 59 6.33 -1.96 -15.62
C ASP B 59 7.72 -1.74 -15.02
N VAL B 60 7.85 -2.00 -13.73
CA VAL B 60 9.14 -1.95 -13.06
C VAL B 60 9.51 -3.36 -12.64
N ALA B 61 10.49 -3.94 -13.33
CA ALA B 61 10.94 -5.31 -13.04
C ALA B 61 11.47 -5.44 -11.62
N PHE B 62 12.20 -4.43 -11.19
CA PHE B 62 12.84 -4.44 -9.86
C PHE B 62 12.91 -3.03 -9.32
N HIS B 63 12.20 -2.85 -8.21
CA HIS B 63 12.16 -1.62 -7.37
C HIS B 63 12.90 -1.88 -6.06
N PHE B 64 13.97 -1.12 -5.87
CA PHE B 64 14.88 -1.24 -4.72
C PHE B 64 14.73 0.06 -3.92
N ASN B 65 14.25 -0.04 -2.69
CA ASN B 65 13.70 1.12 -1.98
C ASN B 65 14.09 1.17 -0.50
N PRO B 66 15.30 1.70 -0.18
CA PRO B 66 15.66 1.91 1.22
C PRO B 66 14.77 2.95 1.88
N ARG B 67 14.37 2.64 3.12
CA ARG B 67 13.49 3.51 3.90
C ARG B 67 13.96 3.72 5.35
N PHE B 68 14.04 4.99 5.74
CA PHE B 68 14.31 5.36 7.14
C PHE B 68 13.07 5.70 7.97
N ASP B 69 11.92 5.77 7.32
CA ASP B 69 10.67 6.00 8.06
C ASP B 69 10.30 4.73 8.84
N GLY B 70 10.29 4.87 10.16
CA GLY B 70 10.04 3.74 11.06
C GLY B 70 11.26 2.89 11.30
N TRP B 71 11.04 1.60 11.46
CA TRP B 71 12.09 0.64 11.65
C TRP B 71 12.84 0.51 10.32
N ASP B 72 14.10 0.94 10.35
CA ASP B 72 14.90 1.12 9.13
C ASP B 72 14.94 -0.17 8.33
N LYS B 73 14.66 -0.04 7.03
CA LYS B 73 14.61 -1.23 6.17
C LYS B 73 14.79 -0.92 4.67
N VAL B 74 14.89 -1.99 3.91
CA VAL B 74 14.89 -1.91 2.45
C VAL B 74 13.75 -2.75 1.93
N VAL B 75 12.97 -2.13 1.07
CA VAL B 75 11.84 -2.79 0.42
C VAL B 75 12.24 -3.14 -1.02
N PHE B 76 11.80 -4.31 -1.44
CA PHE B 76 12.03 -4.82 -2.80
C PHE B 76 10.71 -5.26 -3.41
N ASN B 77 10.40 -4.80 -4.61
CA ASN B 77 9.15 -5.19 -5.27
C ASN B 77 9.21 -5.03 -6.80
N THR B 78 8.10 -5.44 -7.41
CA THR B 78 7.89 -5.39 -8.84
C THR B 78 6.52 -4.73 -9.10
N LEU B 79 6.51 -3.85 -10.10
CA LEU B 79 5.26 -3.20 -10.56
C LEU B 79 4.90 -3.74 -11.93
N GLN B 80 3.73 -4.36 -12.03
CA GLN B 80 3.26 -4.85 -13.33
CA GLN B 80 3.25 -4.94 -13.30
C GLN B 80 1.80 -4.54 -13.56
N GLY B 81 1.53 -3.98 -14.74
CA GLY B 81 0.17 -3.54 -15.11
C GLY B 81 -0.42 -2.62 -14.06
N GLY B 82 0.40 -1.71 -13.56
CA GLY B 82 -0.04 -0.72 -12.56
C GLY B 82 -0.20 -1.23 -11.13
N LYS B 83 0.15 -2.49 -10.91
CA LYS B 83 -0.05 -3.15 -9.59
C LYS B 83 1.25 -3.58 -8.94
N TRP B 84 1.49 -3.09 -7.73
CA TRP B 84 2.64 -3.54 -6.96
C TRP B 84 2.40 -4.97 -6.49
N GLY B 85 3.44 -5.79 -6.62
CA GLY B 85 3.38 -7.18 -6.18
C GLY B 85 3.56 -7.29 -4.68
N SER B 86 3.85 -8.50 -4.21
CA SER B 86 4.08 -8.70 -2.81
C SER B 86 5.47 -8.23 -2.43
N GLU B 87 5.52 -7.32 -1.48
CA GLU B 87 6.78 -6.71 -1.05
C GLU B 87 7.70 -7.69 -0.38
N GLU B 88 8.96 -7.66 -0.75
CA GLU B 88 9.99 -8.29 0.05
C GLU B 88 10.65 -7.20 0.87
N ARG B 89 11.12 -7.57 2.06
CA ARG B 89 11.68 -6.60 2.99
C ARG B 89 12.86 -7.21 3.70
N LYS B 90 13.92 -6.42 3.82
CA LYS B 90 15.01 -6.76 4.71
C LYS B 90 15.15 -5.67 5.76
N ARG B 91 15.03 -6.08 7.03
CA ARG B 91 15.02 -5.15 8.16
C ARG B 91 16.46 -4.85 8.59
N SER B 92 17.20 -4.28 7.66
CA SER B 92 18.58 -3.90 7.89
C SER B 92 18.88 -2.78 6.90
N MET B 93 19.57 -1.77 7.37
CA MET B 93 19.80 -0.54 6.62
C MET B 93 21.29 -0.43 6.40
N PRO B 94 21.77 -0.72 5.19
CA PRO B 94 23.18 -0.61 4.88
C PRO B 94 23.62 0.81 4.52
N PHE B 95 22.65 1.72 4.38
CA PHE B 95 22.95 3.11 4.11
C PHE B 95 23.00 3.92 5.40
N LYS B 96 23.57 5.10 5.31
CA LYS B 96 23.66 6.00 6.46
C LYS B 96 23.42 7.41 6.03
N LYS B 97 22.58 8.11 6.77
CA LYS B 97 22.29 9.51 6.43
C LYS B 97 23.57 10.32 6.34
N GLY B 98 23.73 11.01 5.22
CA GLY B 98 24.91 11.83 4.98
C GLY B 98 26.16 11.07 4.53
N ALA B 99 26.08 9.74 4.44
CA ALA B 99 27.25 8.91 4.08
C ALA B 99 27.28 8.46 2.61
N ALA B 100 28.48 8.51 2.04
CA ALA B 100 28.72 7.99 0.70
C ALA B 100 28.46 6.48 0.69
N PHE B 101 27.98 5.98 -0.43
CA PHE B 101 27.78 4.54 -0.59
C PHE B 101 28.21 4.05 -1.96
N GLU B 102 28.50 2.76 -2.00
CA GLU B 102 28.74 2.04 -3.24
C GLU B 102 27.69 0.94 -3.34
N LEU B 103 26.87 1.04 -4.38
CA LEU B 103 25.68 0.21 -4.54
C LEU B 103 25.83 -0.53 -5.85
N VAL B 104 25.89 -1.84 -5.76
CA VAL B 104 26.11 -2.67 -6.93
C VAL B 104 24.98 -3.67 -7.09
N PHE B 105 24.45 -3.74 -8.31
CA PHE B 105 23.48 -4.79 -8.69
C PHE B 105 24.11 -5.74 -9.69
N ILE B 106 24.29 -6.98 -9.28
CA ILE B 106 24.85 -8.00 -10.17
C ILE B 106 23.71 -8.81 -10.75
N VAL B 107 23.58 -8.73 -12.06
CA VAL B 107 22.47 -9.40 -12.75
C VAL B 107 22.82 -10.86 -13.03
N LEU B 108 22.17 -11.75 -12.31
CA LEU B 108 22.39 -13.19 -12.45
C LEU B 108 21.14 -13.87 -13.01
N ALA B 109 21.29 -15.14 -13.36
CA ALA B 109 20.20 -15.87 -14.01
C ALA B 109 18.95 -15.91 -13.14
N GLU B 110 19.17 -16.12 -11.86
CA GLU B 110 18.07 -16.35 -10.91
C GLU B 110 17.59 -15.08 -10.22
N HIS B 111 18.48 -14.13 -10.05
CA HIS B 111 18.16 -12.94 -9.28
C HIS B 111 19.08 -11.77 -9.56
N TYR B 112 18.65 -10.61 -9.08
CA TYR B 112 19.56 -9.48 -8.93
C TYR B 112 20.25 -9.66 -7.58
N LYS B 113 21.57 -9.69 -7.59
CA LYS B 113 22.34 -9.73 -6.34
C LYS B 113 22.71 -8.30 -5.97
N VAL B 114 22.26 -7.85 -4.80
CA VAL B 114 22.54 -6.50 -4.35
C VAL B 114 23.72 -6.55 -3.37
N VAL B 115 24.70 -5.70 -3.63
CA VAL B 115 25.90 -5.59 -2.79
C VAL B 115 26.03 -4.12 -2.39
N VAL B 116 26.14 -3.88 -1.09
CA VAL B 116 26.25 -2.51 -0.57
C VAL B 116 27.53 -2.34 0.24
N ASN B 117 28.34 -1.39 -0.18
CA ASN B 117 29.65 -1.12 0.39
C ASN B 117 30.48 -2.38 0.54
N GLY B 118 30.42 -3.21 -0.50
CA GLY B 118 31.18 -4.47 -0.53
C GLY B 118 30.56 -5.66 0.14
N ASN B 119 29.48 -5.44 0.86
CA ASN B 119 28.80 -6.50 1.60
C ASN B 119 27.56 -7.03 0.84
N PRO B 120 27.54 -8.33 0.50
CA PRO B 120 26.32 -8.91 -0.08
C PRO B 120 25.12 -8.65 0.83
N PHE B 121 24.05 -8.16 0.23
CA PHE B 121 22.92 -7.65 0.99
C PHE B 121 21.62 -8.40 0.74
N TYR B 122 21.33 -8.70 -0.52
CA TYR B 122 20.05 -9.32 -0.87
C TYR B 122 20.11 -9.94 -2.26
N GLU B 123 19.29 -10.96 -2.46
CA GLU B 123 19.11 -11.59 -3.77
C GLU B 123 17.63 -11.54 -4.13
N TYR B 124 17.28 -10.67 -5.07
CA TYR B 124 15.88 -10.48 -5.48
C TYR B 124 15.58 -11.29 -6.72
N GLY B 125 14.79 -12.35 -6.53
CA GLY B 125 14.45 -13.26 -7.64
C GLY B 125 13.70 -12.52 -8.74
N HIS B 126 14.02 -12.83 -9.99
CA HIS B 126 13.34 -12.18 -11.12
C HIS B 126 11.85 -12.51 -11.13
N ARG B 127 11.04 -11.48 -11.35
CA ARG B 127 9.60 -11.65 -11.54
C ARG B 127 9.13 -11.26 -12.92
N LEU B 128 9.80 -10.29 -13.51
CA LEU B 128 9.71 -10.00 -14.96
C LEU B 128 11.05 -10.32 -15.67
N PRO B 129 11.02 -10.64 -16.98
CA PRO B 129 12.26 -11.10 -17.64
C PRO B 129 13.30 -10.01 -17.69
N LEU B 130 14.51 -10.32 -17.24
CA LEU B 130 15.59 -9.32 -17.23
C LEU B 130 15.86 -8.81 -18.66
N GLN B 131 15.64 -9.66 -19.65
CA GLN B 131 15.86 -9.27 -21.06
C GLN B 131 14.92 -8.18 -21.55
N MET B 132 13.84 -7.91 -20.82
CA MET B 132 12.91 -6.78 -21.16
C MET B 132 13.14 -5.47 -20.48
N VAL B 133 14.06 -5.42 -19.52
CA VAL B 133 14.40 -4.15 -18.90
C VAL B 133 15.15 -3.32 -19.91
N THR B 134 14.75 -2.06 -20.04
CA THR B 134 15.40 -1.13 -20.98
C THR B 134 16.05 0.06 -20.30
N HIS B 135 15.53 0.45 -19.14
CA HIS B 135 15.95 1.69 -18.47
C HIS B 135 16.25 1.52 -17.00
N LEU B 136 17.12 2.40 -16.51
CA LEU B 136 17.41 2.52 -15.09
C LEU B 136 16.90 3.88 -14.63
N GLN B 137 16.12 3.86 -13.56
CA GLN B 137 15.60 5.07 -12.93
C GLN B 137 16.04 5.19 -11.49
N VAL B 138 16.55 6.36 -11.12
CA VAL B 138 17.05 6.62 -9.75
C VAL B 138 16.56 8.00 -9.31
N ASP B 139 15.99 8.05 -8.12
CA ASP B 139 15.50 9.30 -7.56
C ASP B 139 15.32 9.18 -6.06
N GLY B 140 15.18 10.32 -5.41
CA GLY B 140 14.88 10.40 -3.98
C GLY B 140 15.91 11.23 -3.22
N ASP B 141 16.08 10.91 -1.95
CA ASP B 141 16.87 11.71 -1.02
C ASP B 141 18.35 11.31 -1.02
N LEU B 142 19.03 11.66 -2.10
CA LEU B 142 20.44 11.34 -2.29
C LEU B 142 21.08 12.26 -3.29
N GLN B 143 22.42 12.31 -3.26
CA GLN B 143 23.19 12.89 -4.36
C GLN B 143 23.83 11.75 -5.15
N LEU B 144 23.80 11.86 -6.46
CA LEU B 144 24.42 10.85 -7.34
C LEU B 144 25.81 11.31 -7.73
N GLN B 145 26.81 10.46 -7.51
CA GLN B 145 28.17 10.74 -8.00
C GLN B 145 28.41 10.13 -9.38
N SER B 146 27.99 8.88 -9.54
CA SER B 146 28.19 8.17 -10.81
C SER B 146 27.31 6.93 -10.91
N ILE B 147 27.02 6.59 -12.16
CA ILE B 147 26.36 5.34 -12.51
C ILE B 147 27.10 4.70 -13.67
N ASN B 148 27.50 3.45 -13.47
CA ASN B 148 28.27 2.72 -14.46
C ASN B 148 27.69 1.34 -14.72
N PHE B 149 27.70 0.96 -15.99
CA PHE B 149 27.25 -0.35 -16.43
C PHE B 149 28.47 -1.17 -16.82
N ILE B 150 28.63 -2.33 -16.20
CA ILE B 150 29.85 -3.14 -16.33
C ILE B 150 29.54 -4.55 -16.79
N GLY B 151 30.37 -5.09 -17.66
CA GLY B 151 30.16 -6.46 -18.15
C GLY B 151 28.96 -6.54 -19.06
N GLY B 152 28.60 -5.42 -19.69
CA GLY B 152 27.48 -5.36 -20.61
C GLY B 152 27.73 -6.16 -21.86
N GLN B 153 26.64 -6.65 -22.46
CA GLN B 153 26.63 -7.64 -23.54
C GLN B 153 27.06 -9.01 -23.05
N ASN C 14 9.41 -19.63 -4.84
CA ASN C 14 8.85 -19.69 -3.45
C ASN C 14 8.52 -18.30 -2.95
N PRO C 15 7.23 -18.03 -2.73
CA PRO C 15 6.87 -16.74 -2.16
C PRO C 15 7.44 -16.55 -0.76
N THR C 16 7.65 -15.28 -0.42
CA THR C 16 8.27 -14.90 0.85
C THR C 16 7.25 -14.23 1.76
N LEU C 17 7.47 -14.33 3.06
CA LEU C 17 6.59 -13.76 4.06
C LEU C 17 7.20 -12.46 4.59
N PRO C 18 6.37 -11.46 4.88
CA PRO C 18 4.93 -11.51 4.69
C PRO C 18 4.52 -11.43 3.23
N TYR C 19 3.44 -12.13 2.93
CA TYR C 19 2.90 -12.20 1.58
C TYR C 19 1.66 -11.31 1.52
N TYR C 20 1.63 -10.42 0.55
CA TYR C 20 0.52 -9.49 0.40
C TYR C 20 0.45 -9.16 -1.09
N GLN C 21 -0.42 -9.88 -1.78
CA GLN C 21 -0.41 -9.95 -3.23
C GLN C 21 -1.76 -9.70 -3.83
N PRO C 22 -1.83 -8.95 -4.95
CA PRO C 22 -3.13 -8.77 -5.60
C PRO C 22 -3.64 -10.10 -6.15
N ILE C 23 -4.93 -10.33 -5.97
CA ILE C 23 -5.58 -11.48 -6.54
C ILE C 23 -5.91 -11.17 -8.00
N PRO C 24 -5.40 -11.97 -8.95
CA PRO C 24 -5.56 -11.59 -10.36
C PRO C 24 -7.04 -11.44 -10.78
N GLY C 25 -7.40 -10.23 -11.19
CA GLY C 25 -8.78 -9.88 -11.57
C GLY C 25 -9.71 -9.57 -10.39
N GLY C 26 -9.16 -9.61 -9.18
CA GLY C 26 -9.96 -9.58 -7.95
C GLY C 26 -10.63 -10.92 -7.65
N LEU C 27 -11.23 -10.99 -6.47
CA LEU C 27 -11.93 -12.22 -6.06
C LEU C 27 -13.26 -12.34 -6.78
N ASN C 28 -13.58 -13.57 -7.18
CA ASN C 28 -14.86 -13.87 -7.79
C ASN C 28 -15.40 -15.25 -7.40
N VAL C 29 -16.72 -15.39 -7.47
CA VAL C 29 -17.37 -16.67 -7.18
C VAL C 29 -16.78 -17.69 -8.14
N GLY C 30 -16.56 -18.90 -7.64
CA GLY C 30 -15.99 -20.00 -8.43
C GLY C 30 -14.48 -20.14 -8.28
N MET C 31 -13.85 -19.10 -7.75
CA MET C 31 -12.41 -19.10 -7.60
C MET C 31 -12.01 -19.96 -6.39
N SER C 32 -10.85 -20.61 -6.51
CA SER C 32 -10.22 -21.30 -5.36
C SER C 32 -8.85 -20.72 -5.13
N VAL C 33 -8.50 -20.61 -3.85
CA VAL C 33 -7.16 -20.22 -3.44
C VAL C 33 -6.53 -21.44 -2.79
N TYR C 34 -5.44 -21.91 -3.38
CA TYR C 34 -4.73 -23.10 -2.92
C TYR C 34 -3.39 -22.67 -2.34
N ILE C 35 -3.23 -22.91 -1.04
CA ILE C 35 -2.01 -22.56 -0.33
C ILE C 35 -1.32 -23.84 0.14
N GLN C 36 -0.07 -23.98 -0.26
CA GLN C 36 0.75 -25.07 0.26
C GLN C 36 1.86 -24.50 1.08
N GLY C 37 1.87 -24.92 2.33
CA GLY C 37 2.86 -24.43 3.30
C GLY C 37 3.25 -25.50 4.31
N VAL C 38 4.14 -25.10 5.21
CA VAL C 38 4.55 -25.92 6.33
C VAL C 38 4.38 -25.11 7.60
N ALA C 39 3.57 -25.62 8.52
CA ALA C 39 3.39 -24.98 9.81
C ALA C 39 4.71 -25.04 10.57
N SER C 40 5.10 -23.93 11.18
CA SER C 40 6.37 -23.90 11.92
C SER C 40 6.37 -24.92 13.04
N GLU C 41 7.55 -25.49 13.30
CA GLU C 41 7.71 -26.37 14.47
C GLU C 41 7.36 -25.63 15.77
N HIS C 42 7.57 -24.32 15.73
CA HIS C 42 7.30 -23.43 16.89
C HIS C 42 6.09 -22.51 16.66
N MET C 43 5.11 -22.99 15.90
CA MET C 43 3.92 -22.17 15.58
C MET C 43 3.05 -21.80 16.79
N LYS C 44 2.77 -20.51 16.95
CA LYS C 44 1.69 -20.04 17.84
C LYS C 44 0.46 -19.67 17.02
N ARG C 45 0.68 -18.87 15.98
CA ARG C 45 -0.40 -18.41 15.08
C ARG C 45 0.10 -18.13 13.66
N PHE C 46 -0.84 -18.21 12.73
CA PHE C 46 -0.68 -17.55 11.45
C PHE C 46 -2.04 -17.09 10.97
N PHE C 47 -2.04 -16.25 9.95
CA PHE C 47 -3.31 -15.77 9.41
C PHE C 47 -3.26 -15.68 7.90
N VAL C 48 -4.46 -15.82 7.34
CA VAL C 48 -4.73 -15.56 5.92
C VAL C 48 -5.86 -14.54 5.89
N ASN C 49 -5.60 -13.43 5.23
CA ASN C 49 -6.57 -12.35 5.08
C ASN C 49 -6.94 -12.11 3.63
N PHE C 50 -8.25 -11.99 3.41
CA PHE C 50 -8.80 -11.55 2.14
C PHE C 50 -9.10 -10.06 2.31
N VAL C 51 -8.28 -9.24 1.67
CA VAL C 51 -8.22 -7.79 1.97
C VAL C 51 -8.78 -6.90 0.86
N VAL C 52 -9.48 -5.86 1.30
CA VAL C 52 -10.08 -4.85 0.42
C VAL C 52 -9.08 -3.71 0.29
N GLY C 53 -8.23 -3.84 -0.71
CA GLY C 53 -7.28 -2.80 -1.03
C GLY C 53 -5.98 -2.96 -0.27
N GLN C 54 -5.26 -1.85 -0.24
CA GLN C 54 -3.93 -1.76 0.36
C GLN C 54 -3.67 -0.44 1.10
N ASP C 55 -4.75 0.28 1.42
CA ASP C 55 -4.67 1.53 2.19
C ASP C 55 -4.47 1.19 3.68
N PRO C 56 -3.86 2.10 4.45
CA PRO C 56 -3.85 1.88 5.90
C PRO C 56 -5.26 1.70 6.42
N GLY C 57 -5.47 0.71 7.29
CA GLY C 57 -6.80 0.44 7.82
C GLY C 57 -7.75 -0.21 6.82
N SER C 58 -7.22 -0.83 5.77
CA SER C 58 -8.04 -1.58 4.79
C SER C 58 -8.95 -2.56 5.47
N ASP C 59 -10.18 -2.69 4.96
CA ASP C 59 -11.10 -3.71 5.44
C ASP C 59 -10.55 -5.09 5.12
N VAL C 60 -10.83 -6.05 6.00
CA VAL C 60 -10.51 -7.45 5.75
C VAL C 60 -11.82 -8.20 5.67
N ALA C 61 -12.21 -8.60 4.48
CA ALA C 61 -13.47 -9.33 4.27
C ALA C 61 -13.50 -10.66 5.06
N PHE C 62 -12.36 -11.34 5.08
CA PHE C 62 -12.23 -12.65 5.75
C PHE C 62 -10.82 -12.81 6.31
N HIS C 63 -10.78 -12.94 7.63
CA HIS C 63 -9.59 -13.22 8.45
C HIS C 63 -9.69 -14.66 8.99
N PHE C 64 -8.74 -15.48 8.59
CA PHE C 64 -8.63 -16.90 8.96
C PHE C 64 -7.39 -17.05 9.83
N ASN C 65 -7.58 -17.44 11.09
CA ASN C 65 -6.53 -17.31 12.10
C ASN C 65 -6.39 -18.51 13.02
N PRO C 66 -5.62 -19.55 12.59
CA PRO C 66 -5.33 -20.67 13.49
C PRO C 66 -4.46 -20.24 14.66
N ARG C 67 -4.82 -20.73 15.84
CA ARG C 67 -4.12 -20.40 17.08
C ARG C 67 -3.83 -21.61 17.97
N PHE C 68 -2.58 -21.73 18.39
CA PHE C 68 -2.16 -22.77 19.36
C PHE C 68 -2.11 -22.26 20.79
N ASP C 69 -2.25 -20.95 20.97
CA ASP C 69 -2.29 -20.39 22.32
C ASP C 69 -3.62 -20.75 22.98
N GLY C 70 -3.51 -21.50 24.07
CA GLY C 70 -4.68 -21.96 24.81
C GLY C 70 -5.28 -23.20 24.18
N TRP C 71 -6.61 -23.26 24.24
CA TRP C 71 -7.37 -24.34 23.61
C TRP C 71 -7.18 -24.18 22.11
N ASP C 72 -6.53 -25.16 21.49
CA ASP C 72 -6.18 -25.08 20.07
C ASP C 72 -7.43 -24.81 19.23
N LYS C 73 -7.37 -23.80 18.39
CA LYS C 73 -8.55 -23.39 17.62
C LYS C 73 -8.23 -22.56 16.39
N VAL C 74 -9.28 -22.32 15.61
CA VAL C 74 -9.22 -21.40 14.48
C VAL C 74 -10.28 -20.34 14.66
N VAL C 75 -9.84 -19.09 14.56
CA VAL C 75 -10.70 -17.93 14.67
C VAL C 75 -10.98 -17.39 13.26
N PHE C 76 -12.24 -16.97 13.04
CA PHE C 76 -12.70 -16.42 11.78
C PHE C 76 -13.37 -15.08 12.07
N ASN C 77 -13.02 -14.04 11.33
CA ASN C 77 -13.66 -12.74 11.50
C ASN C 77 -13.54 -11.84 10.26
N THR C 78 -14.16 -10.66 10.39
CA THR C 78 -14.18 -9.63 9.39
C THR C 78 -13.83 -8.30 10.07
N LEU C 79 -13.00 -7.51 9.40
CA LEU C 79 -12.63 -6.16 9.83
C LEU C 79 -13.27 -5.17 8.86
N GLN C 80 -14.20 -4.37 9.36
CA GLN C 80 -14.89 -3.38 8.52
C GLN C 80 -14.97 -2.02 9.23
N GLY C 81 -14.52 -0.98 8.51
CA GLY C 81 -14.39 0.36 9.07
C GLY C 81 -13.60 0.39 10.36
N GLY C 82 -12.49 -0.33 10.39
CA GLY C 82 -11.61 -0.36 11.58
C GLY C 82 -12.11 -1.16 12.78
N LYS C 83 -13.22 -1.86 12.60
CA LYS C 83 -13.83 -2.64 13.68
C LYS C 83 -13.89 -4.13 13.38
N TRP C 84 -13.38 -4.93 14.31
CA TRP C 84 -13.52 -6.37 14.22
C TRP C 84 -14.95 -6.73 14.55
N GLY C 85 -15.54 -7.61 13.76
CA GLY C 85 -16.89 -8.07 14.00
C GLY C 85 -16.94 -9.12 15.11
N SER C 86 -18.05 -9.83 15.16
CA SER C 86 -18.19 -10.96 16.09
C SER C 86 -17.41 -12.16 15.61
N GLU C 87 -16.49 -12.64 16.44
CA GLU C 87 -15.61 -13.76 16.09
C GLU C 87 -16.38 -15.04 15.94
N GLU C 88 -16.11 -15.76 14.89
CA GLU C 88 -16.51 -17.16 14.82
C GLU C 88 -15.30 -17.98 15.21
N ARG C 89 -15.54 -19.13 15.80
CA ARG C 89 -14.46 -20.00 16.30
C ARG C 89 -14.80 -21.45 16.06
N LYS C 90 -13.82 -22.21 15.61
CA LYS C 90 -13.91 -23.65 15.60
C LYS C 90 -12.80 -24.22 16.49
N ARG C 91 -13.19 -24.95 17.51
CA ARG C 91 -12.26 -25.50 18.51
C ARG C 91 -11.69 -26.82 18.03
N SER C 92 -11.01 -26.75 16.91
CA SER C 92 -10.36 -27.88 16.30
C SER C 92 -9.21 -27.32 15.50
N MET C 93 -8.07 -27.99 15.58
CA MET C 93 -6.85 -27.53 14.94
C MET C 93 -6.44 -28.54 13.86
N PRO C 94 -6.60 -28.18 12.55
CA PRO C 94 -6.27 -29.10 11.47
C PRO C 94 -4.80 -29.03 11.07
N PHE C 95 -4.10 -28.07 11.64
CA PHE C 95 -2.68 -27.96 11.39
C PHE C 95 -1.87 -28.69 12.45
N LYS C 96 -0.62 -28.96 12.12
CA LYS C 96 0.28 -29.60 13.05
C LYS C 96 1.66 -28.96 12.99
N LYS C 97 2.20 -28.64 14.14
CA LYS C 97 3.50 -27.97 14.23
C LYS C 97 4.54 -28.78 13.45
N GLY C 98 5.20 -28.12 12.52
CA GLY C 98 6.24 -28.75 11.71
C GLY C 98 5.74 -29.52 10.50
N ALA C 99 4.42 -29.63 10.34
CA ALA C 99 3.84 -30.43 9.25
C ALA C 99 3.39 -29.62 8.03
N ALA C 100 3.66 -30.17 6.86
CA ALA C 100 3.18 -29.62 5.60
C ALA C 100 1.66 -29.65 5.57
N PHE C 101 1.07 -28.64 4.96
CA PHE C 101 -0.39 -28.57 4.82
C PHE C 101 -0.80 -28.10 3.45
N GLU C 102 -2.03 -28.47 3.10
CA GLU C 102 -2.70 -27.96 1.92
C GLU C 102 -3.95 -27.23 2.40
N LEU C 103 -4.00 -25.93 2.11
CA LEU C 103 -5.06 -25.03 2.63
C LEU C 103 -5.78 -24.43 1.45
N VAL C 104 -7.05 -24.74 1.33
CA VAL C 104 -7.81 -24.36 0.15
C VAL C 104 -9.00 -23.53 0.61
N PHE C 105 -9.18 -22.39 -0.05
CA PHE C 105 -10.39 -21.58 0.13
C PHE C 105 -11.22 -21.61 -1.17
N ILE C 106 -12.41 -22.19 -1.11
CA ILE C 106 -13.30 -22.22 -2.27
C ILE C 106 -14.33 -21.10 -2.11
N VAL C 107 -14.31 -20.16 -3.03
CA VAL C 107 -15.17 -18.98 -2.95
C VAL C 107 -16.51 -19.28 -3.60
N LEU C 108 -17.53 -19.41 -2.76
CA LEU C 108 -18.88 -19.65 -3.21
C LEU C 108 -19.77 -18.42 -2.95
N ALA C 109 -20.96 -18.43 -3.52
CA ALA C 109 -21.88 -17.30 -3.41
C ALA C 109 -22.21 -16.99 -1.95
N GLU C 110 -22.40 -18.02 -1.17
CA GLU C 110 -22.86 -17.88 0.23
C GLU C 110 -21.73 -17.74 1.25
N HIS C 111 -20.60 -18.35 0.94
CA HIS C 111 -19.50 -18.41 1.90
C HIS C 111 -18.17 -18.77 1.29
N TYR C 112 -17.12 -18.55 2.06
CA TYR C 112 -15.82 -19.15 1.77
C TYR C 112 -15.84 -20.54 2.37
N LYS C 113 -15.61 -21.55 1.54
CA LYS C 113 -15.49 -22.91 2.06
C LYS C 113 -14.00 -23.18 2.30
N VAL C 114 -13.65 -23.46 3.54
CA VAL C 114 -12.27 -23.76 3.91
C VAL C 114 -12.06 -25.29 3.96
N VAL C 115 -11.05 -25.75 3.25
CA VAL C 115 -10.70 -27.17 3.20
C VAL C 115 -9.24 -27.28 3.61
N VAL C 116 -8.97 -28.12 4.61
CA VAL C 116 -7.60 -28.34 5.08
C VAL C 116 -7.21 -29.82 4.91
N ASN C 117 -6.12 -30.04 4.18
CA ASN C 117 -5.60 -31.37 3.86
C ASN C 117 -6.70 -32.29 3.31
N GLY C 118 -7.54 -31.72 2.45
CA GLY C 118 -8.64 -32.46 1.82
C GLY C 118 -9.91 -32.57 2.63
N ASN C 119 -9.87 -32.17 3.89
CA ASN C 119 -11.01 -32.26 4.81
C ASN C 119 -11.76 -30.94 4.93
N PRO C 120 -13.07 -30.95 4.64
CA PRO C 120 -13.84 -29.74 4.82
C PRO C 120 -13.72 -29.29 6.26
N PHE C 121 -13.46 -28.02 6.45
CA PHE C 121 -13.17 -27.53 7.78
C PHE C 121 -14.17 -26.50 8.28
N TYR C 122 -14.53 -25.56 7.41
CA TYR C 122 -15.44 -24.49 7.83
C TYR C 122 -16.05 -23.80 6.63
N GLU C 123 -17.23 -23.23 6.84
CA GLU C 123 -17.90 -22.38 5.85
C GLU C 123 -18.15 -21.00 6.48
N TYR C 124 -17.41 -20.00 6.03
CA TYR C 124 -17.53 -18.64 6.57
C TYR C 124 -18.43 -17.78 5.68
N GLY C 125 -19.62 -17.46 6.18
CA GLY C 125 -20.60 -16.65 5.43
C GLY C 125 -20.08 -15.27 5.14
N HIS C 126 -20.31 -14.79 3.93
CA HIS C 126 -19.84 -13.46 3.54
C HIS C 126 -20.48 -12.40 4.40
N ARG C 127 -19.64 -11.48 4.87
CA ARG C 127 -20.09 -10.29 5.58
C ARG C 127 -19.90 -9.06 4.70
N LEU C 128 -18.74 -8.97 4.07
CA LEU C 128 -18.47 -7.94 3.03
C LEU C 128 -18.65 -8.60 1.67
N PRO C 129 -19.16 -7.86 0.68
CA PRO C 129 -19.26 -8.38 -0.68
C PRO C 129 -17.90 -8.87 -1.17
N LEU C 130 -17.85 -10.12 -1.58
CA LEU C 130 -16.56 -10.75 -1.91
C LEU C 130 -15.82 -10.06 -3.04
N GLN C 131 -16.56 -9.45 -3.95
CA GLN C 131 -15.93 -8.75 -5.10
C GLN C 131 -15.09 -7.56 -4.69
N MET C 132 -15.27 -7.10 -3.47
CA MET C 132 -14.47 -5.98 -2.98
C MET C 132 -13.04 -6.41 -2.68
N VAL C 133 -12.82 -7.70 -2.55
CA VAL C 133 -11.50 -8.20 -2.18
C VAL C 133 -10.54 -8.08 -3.34
N THR C 134 -9.38 -7.51 -3.06
CA THR C 134 -8.36 -7.29 -4.09
C THR C 134 -7.07 -8.02 -3.81
N HIS C 135 -6.80 -8.28 -2.53
CA HIS C 135 -5.51 -8.82 -2.12
C HIS C 135 -5.64 -10.01 -1.21
N LEU C 136 -4.65 -10.90 -1.29
CA LEU C 136 -4.47 -11.98 -0.33
C LEU C 136 -3.22 -11.72 0.52
N GLN C 137 -3.39 -11.76 1.83
CA GLN C 137 -2.31 -11.49 2.76
C GLN C 137 -2.11 -12.71 3.65
N VAL C 138 -0.87 -13.13 3.76
CA VAL C 138 -0.52 -14.29 4.55
C VAL C 138 0.72 -13.96 5.37
N ASP C 139 0.66 -14.27 6.65
CA ASP C 139 1.80 -14.06 7.53
C ASP C 139 1.67 -14.90 8.78
N GLY C 140 2.77 -15.01 9.48
CA GLY C 140 2.83 -15.65 10.80
C GLY C 140 3.84 -16.80 10.82
N ASP C 141 3.57 -17.76 11.68
CA ASP C 141 4.54 -18.84 11.98
C ASP C 141 4.40 -20.04 11.02
N LEU C 142 4.86 -19.82 9.79
CA LEU C 142 4.79 -20.85 8.75
C LEU C 142 5.80 -20.56 7.67
N GLN C 143 6.10 -21.58 6.87
CA GLN C 143 6.81 -21.40 5.60
C GLN C 143 5.82 -21.57 4.45
N LEU C 144 5.91 -20.69 3.47
CA LEU C 144 5.06 -20.76 2.27
C LEU C 144 5.78 -21.47 1.11
N GLN C 145 5.19 -22.54 0.58
CA GLN C 145 5.73 -23.21 -0.62
C GLN C 145 5.15 -22.65 -1.90
N SER C 146 3.83 -22.47 -1.90
CA SER C 146 3.15 -21.94 -3.08
C SER C 146 1.75 -21.43 -2.75
N ILE C 147 1.35 -20.47 -3.56
CA ILE C 147 -0.01 -19.94 -3.54
C ILE C 147 -0.49 -19.93 -4.96
N ASN C 148 -1.64 -20.54 -5.19
CA ASN C 148 -2.23 -20.58 -6.51
C ASN C 148 -3.67 -20.18 -6.54
N PHE C 149 -4.02 -19.43 -7.58
CA PHE C 149 -5.39 -18.96 -7.79
C PHE C 149 -5.99 -19.71 -8.97
N ILE C 150 -7.11 -20.36 -8.72
CA ILE C 150 -7.73 -21.25 -9.69
C ILE C 150 -9.14 -20.74 -9.97
N GLY C 151 -9.43 -20.49 -11.25
CA GLY C 151 -10.78 -20.12 -11.68
C GLY C 151 -11.08 -18.64 -11.55
N PRO D 15 -9.57 16.55 9.94
CA PRO D 15 -9.43 15.14 9.62
C PRO D 15 -10.69 14.36 9.89
N THR D 16 -10.85 13.25 9.16
CA THR D 16 -12.02 12.40 9.24
C THR D 16 -11.69 11.06 9.89
N LEU D 17 -12.71 10.46 10.48
CA LEU D 17 -12.57 9.16 11.16
C LEU D 17 -13.12 8.04 10.27
N PRO D 18 -12.52 6.86 10.30
CA PRO D 18 -11.31 6.57 11.07
C PRO D 18 -10.08 7.22 10.50
N TYR D 19 -9.19 7.61 11.40
CA TYR D 19 -7.94 8.27 11.02
C TYR D 19 -6.82 7.25 11.15
N TYR D 20 -6.02 7.12 10.11
CA TYR D 20 -4.92 6.17 10.09
C TYR D 20 -3.87 6.71 9.14
N GLN D 21 -2.88 7.38 9.70
CA GLN D 21 -1.93 8.18 8.90
C GLN D 21 -0.48 8.02 9.33
N PRO D 22 0.46 8.12 8.37
CA PRO D 22 1.85 7.99 8.74
C PRO D 22 2.28 9.13 9.62
N ILE D 23 3.13 8.80 10.59
CA ILE D 23 3.83 9.79 11.37
C ILE D 23 5.06 10.17 10.57
N PRO D 24 5.15 11.44 10.14
CA PRO D 24 6.26 11.85 9.28
C PRO D 24 7.63 11.52 9.84
N GLY D 25 8.35 10.66 9.12
CA GLY D 25 9.69 10.20 9.49
C GLY D 25 9.73 9.07 10.51
N GLY D 26 8.56 8.64 10.93
CA GLY D 26 8.41 7.74 12.08
C GLY D 26 8.52 8.42 13.44
N LEU D 27 8.19 7.66 14.48
CA LEU D 27 8.21 8.17 15.84
C LEU D 27 9.64 8.26 16.37
N ASN D 28 9.94 9.32 17.12
CA ASN D 28 11.24 9.46 17.79
C ASN D 28 11.14 10.10 19.18
N VAL D 29 12.14 9.83 20.01
CA VAL D 29 12.21 10.44 21.34
C VAL D 29 12.24 11.94 21.13
N GLY D 30 11.52 12.66 22.00
CA GLY D 30 11.40 14.13 21.89
C GLY D 30 10.17 14.58 21.14
N MET D 31 9.57 13.66 20.39
CA MET D 31 8.38 13.99 19.62
C MET D 31 7.14 14.08 20.50
N SER D 32 6.19 14.85 20.05
CA SER D 32 4.90 14.94 20.71
C SER D 32 3.82 14.78 19.66
N VAL D 33 2.73 14.14 20.08
CA VAL D 33 1.52 14.08 19.30
C VAL D 33 0.43 14.86 20.02
N TYR D 34 -0.12 15.83 19.32
CA TYR D 34 -1.11 16.72 19.90
C TYR D 34 -2.45 16.53 19.14
N ILE D 35 -3.45 16.05 19.87
CA ILE D 35 -4.78 15.78 19.30
C ILE D 35 -5.81 16.69 19.94
N GLN D 36 -6.56 17.38 19.09
CA GLN D 36 -7.69 18.17 19.55
C GLN D 36 -8.95 17.56 18.98
N GLY D 37 -9.87 17.22 19.89
CA GLY D 37 -11.15 16.63 19.52
C GLY D 37 -12.27 16.99 20.47
N VAL D 38 -13.44 16.44 20.18
CA VAL D 38 -14.62 16.58 21.04
C VAL D 38 -15.17 15.20 21.32
N ALA D 39 -15.23 14.85 22.58
CA ALA D 39 -15.79 13.57 23.00
C ALA D 39 -17.29 13.56 22.70
N SER D 40 -17.78 12.47 22.15
CA SER D 40 -19.21 12.39 21.79
C SER D 40 -20.09 12.56 23.03
N GLU D 41 -21.23 13.20 22.86
CA GLU D 41 -22.22 13.29 23.96
C GLU D 41 -22.63 11.89 24.42
N HIS D 42 -22.58 10.93 23.50
CA HIS D 42 -22.92 9.53 23.79
C HIS D 42 -21.71 8.58 23.75
N MET D 43 -20.57 9.09 24.17
CA MET D 43 -19.31 8.33 24.12
C MET D 43 -19.32 7.11 25.04
N LYS D 44 -19.01 5.95 24.47
CA LYS D 44 -18.68 4.74 25.27
C LYS D 44 -17.16 4.57 25.31
N ARG D 45 -16.54 4.63 24.13
CA ARG D 45 -15.08 4.50 23.98
C ARG D 45 -14.51 5.24 22.77
N PHE D 46 -13.23 5.56 22.87
CA PHE D 46 -12.42 5.83 21.68
C PHE D 46 -11.00 5.38 21.93
N PHE D 47 -10.22 5.30 20.88
CA PHE D 47 -8.83 4.86 21.01
C PHE D 47 -7.88 5.64 20.12
N VAL D 48 -6.65 5.69 20.60
CA VAL D 48 -5.49 6.18 19.85
C VAL D 48 -4.43 5.08 19.86
N ASN D 49 -4.02 4.67 18.67
CA ASN D 49 -3.02 3.61 18.48
C ASN D 49 -1.77 4.13 17.79
N PHE D 50 -0.64 3.80 18.37
CA PHE D 50 0.67 3.98 17.79
C PHE D 50 1.06 2.66 17.14
N VAL D 51 1.03 2.66 15.80
CA VAL D 51 1.05 1.41 15.03
C VAL D 51 2.35 1.17 14.26
N VAL D 52 2.79 -0.07 14.27
CA VAL D 52 4.00 -0.52 13.57
C VAL D 52 3.58 -1.00 12.17
N GLY D 53 3.52 -0.07 11.24
CA GLY D 53 3.17 -0.36 9.83
C GLY D 53 1.72 -0.03 9.53
N GLN D 54 1.32 -0.26 8.29
CA GLN D 54 -0.02 0.08 7.82
C GLN D 54 -0.84 -1.14 7.41
N ASP D 55 -0.22 -2.31 7.46
CA ASP D 55 -0.82 -3.55 6.98
C ASP D 55 -1.80 -4.11 8.01
N PRO D 56 -2.83 -4.84 7.56
CA PRO D 56 -3.65 -5.55 8.53
C PRO D 56 -2.79 -6.47 9.42
N GLY D 57 -3.12 -6.50 10.70
CA GLY D 57 -2.42 -7.34 11.68
C GLY D 57 -1.13 -6.72 12.24
N SER D 58 -0.90 -5.46 11.91
CA SER D 58 0.24 -4.72 12.42
C SER D 58 0.26 -4.67 13.95
N ASP D 59 1.46 -4.72 14.51
CA ASP D 59 1.62 -4.55 15.95
C ASP D 59 1.20 -3.12 16.35
N VAL D 60 0.65 -3.00 17.55
CA VAL D 60 0.33 -1.68 18.13
C VAL D 60 1.20 -1.50 19.36
N ALA D 61 2.20 -0.63 19.23
CA ALA D 61 3.13 -0.35 20.32
C ALA D 61 2.41 0.23 21.56
N PHE D 62 1.43 1.08 21.31
CA PHE D 62 0.68 1.74 22.38
C PHE D 62 -0.75 2.00 21.94
N HIS D 63 -1.65 1.36 22.68
CA HIS D 63 -3.12 1.50 22.56
C HIS D 63 -3.64 2.25 23.79
N PHE D 64 -4.21 3.42 23.53
CA PHE D 64 -4.74 4.33 24.56
C PHE D 64 -6.26 4.37 24.40
N ASN D 65 -6.99 3.89 25.40
CA ASN D 65 -8.40 3.51 25.22
C ASN D 65 -9.31 3.96 26.39
N PRO D 66 -9.74 5.24 26.39
CA PRO D 66 -10.73 5.67 27.38
C PRO D 66 -12.06 4.94 27.22
N ARG D 67 -12.64 4.57 28.36
CA ARG D 67 -13.89 3.82 28.42
C ARG D 67 -14.84 4.34 29.48
N PHE D 68 -16.07 4.58 29.06
CA PHE D 68 -17.16 4.91 29.98
C PHE D 68 -18.01 3.71 30.43
N ASP D 69 -17.80 2.56 29.80
CA ASP D 69 -18.51 1.34 30.22
C ASP D 69 -17.96 0.85 31.55
N GLY D 70 -18.82 0.81 32.56
CA GLY D 70 -18.42 0.39 33.90
C GLY D 70 -17.76 1.51 34.68
N TRP D 71 -16.78 1.13 35.51
CA TRP D 71 -15.92 2.09 36.25
C TRP D 71 -15.29 2.93 35.18
N ASP D 72 -15.57 4.23 35.12
CA ASP D 72 -14.97 5.07 34.09
C ASP D 72 -13.47 4.97 34.20
N LYS D 73 -12.82 4.70 33.08
CA LYS D 73 -11.39 4.45 33.11
C LYS D 73 -10.71 4.64 31.77
N VAL D 74 -9.39 4.57 31.83
CA VAL D 74 -8.58 4.49 30.62
C VAL D 74 -7.73 3.24 30.66
N VAL D 75 -7.80 2.50 29.57
CA VAL D 75 -7.05 1.26 29.40
C VAL D 75 -5.85 1.56 28.48
N PHE D 76 -4.72 0.95 28.84
CA PHE D 76 -3.48 1.09 28.11
C PHE D 76 -2.93 -0.31 27.82
N ASN D 77 -2.57 -0.57 26.57
CA ASN D 77 -2.00 -1.87 26.22
C ASN D 77 -1.17 -1.84 24.94
N THR D 78 -0.61 -3.01 24.64
CA THR D 78 0.22 -3.26 23.48
C THR D 78 -0.28 -4.54 22.80
N LEU D 79 -0.32 -4.48 21.47
CA LEU D 79 -0.67 -5.62 20.62
C LEU D 79 0.59 -6.06 19.89
N GLN D 80 1.02 -7.28 20.14
CA GLN D 80 2.24 -7.81 19.53
C GLN D 80 2.00 -9.24 19.04
N GLY D 81 2.29 -9.47 17.77
CA GLY D 81 2.04 -10.77 17.10
C GLY D 81 0.60 -11.24 17.26
N GLY D 82 -0.35 -10.31 17.12
CA GLY D 82 -1.78 -10.62 17.22
C GLY D 82 -2.35 -10.82 18.63
N LYS D 83 -1.50 -10.65 19.63
CA LYS D 83 -1.87 -10.88 21.03
C LYS D 83 -1.82 -9.58 21.85
N TRP D 84 -2.93 -9.29 22.53
CA TRP D 84 -2.96 -8.20 23.50
C TRP D 84 -2.19 -8.59 24.73
N GLY D 85 -1.36 -7.68 25.22
CA GLY D 85 -0.56 -7.93 26.42
C GLY D 85 -1.39 -7.75 27.68
N SER D 86 -0.70 -7.59 28.80
CA SER D 86 -1.37 -7.29 30.06
C SER D 86 -1.80 -5.84 30.15
N GLU D 87 -3.09 -5.64 30.35
CA GLU D 87 -3.68 -4.30 30.38
C GLU D 87 -3.21 -3.50 31.56
N GLU D 88 -2.86 -2.26 31.31
CA GLU D 88 -2.73 -1.28 32.40
C GLU D 88 -4.02 -0.49 32.40
N ARG D 89 -4.40 -0.01 33.58
CA ARG D 89 -5.65 0.73 33.74
C ARG D 89 -5.46 1.86 34.73
N LYS D 90 -6.02 3.00 34.40
CA LYS D 90 -6.17 4.08 35.36
C LYS D 90 -7.66 4.35 35.53
N ARG D 91 -8.15 4.21 36.76
CA ARG D 91 -9.58 4.39 37.05
C ARG D 91 -9.93 5.83 37.29
N SER D 92 -9.70 6.63 36.26
CA SER D 92 -9.97 8.04 36.29
C SER D 92 -10.20 8.46 34.86
N MET D 93 -11.19 9.32 34.66
CA MET D 93 -11.63 9.68 33.34
C MET D 93 -11.42 11.18 33.15
N PRO D 94 -10.41 11.57 32.35
CA PRO D 94 -10.15 12.98 32.10
C PRO D 94 -10.99 13.59 30.97
N PHE D 95 -11.72 12.74 30.27
CA PHE D 95 -12.63 13.22 29.22
C PHE D 95 -14.03 13.41 29.77
N LYS D 96 -14.81 14.16 29.02
CA LYS D 96 -16.19 14.44 29.42
C LYS D 96 -17.08 14.38 28.19
N LYS D 97 -18.17 13.65 28.32
CA LYS D 97 -19.10 13.46 27.20
C LYS D 97 -19.54 14.81 26.67
N GLY D 98 -19.39 15.00 25.36
CA GLY D 98 -19.75 16.24 24.70
C GLY D 98 -18.74 17.37 24.80
N ALA D 99 -17.64 17.16 25.54
CA ALA D 99 -16.67 18.22 25.77
C ALA D 99 -15.44 18.14 24.88
N ALA D 100 -14.99 19.31 24.44
CA ALA D 100 -13.73 19.42 23.71
C ALA D 100 -12.58 19.02 24.61
N PHE D 101 -11.56 18.41 24.00
CA PHE D 101 -10.35 18.02 24.75
C PHE D 101 -9.08 18.29 23.99
N GLU D 102 -8.01 18.40 24.76
CA GLU D 102 -6.65 18.48 24.23
C GLU D 102 -5.86 17.31 24.77
N LEU D 103 -5.40 16.46 23.86
CA LEU D 103 -4.77 15.18 24.21
C LEU D 103 -3.38 15.18 23.63
N VAL D 104 -2.40 15.14 24.52
CA VAL D 104 -1.00 15.25 24.12
C VAL D 104 -0.24 14.02 24.59
N PHE D 105 0.50 13.42 23.66
CA PHE D 105 1.44 12.33 23.98
C PHE D 105 2.86 12.84 23.82
N ILE D 106 3.61 12.92 24.92
CA ILE D 106 5.02 13.30 24.87
C ILE D 106 5.87 12.03 24.90
N VAL D 107 6.59 11.81 23.81
CA VAL D 107 7.37 10.58 23.63
C VAL D 107 8.75 10.76 24.27
N LEU D 108 8.92 10.08 25.39
CA LEU D 108 10.18 10.11 26.11
C LEU D 108 10.86 8.74 26.02
N ALA D 109 12.12 8.69 26.46
CA ALA D 109 12.92 7.47 26.37
C ALA D 109 12.28 6.32 27.12
N GLU D 110 11.73 6.60 28.30
N GLU D 110 11.73 6.65 28.29
CA GLU D 110 11.17 5.56 29.19
CA GLU D 110 11.21 5.70 29.25
C GLU D 110 9.72 5.24 28.92
C GLU D 110 9.75 5.31 29.02
N HIS D 111 8.98 6.26 28.51
CA HIS D 111 7.51 6.11 28.39
C HIS D 111 6.87 7.14 27.48
N TYR D 112 5.64 6.87 27.11
CA TYR D 112 4.76 7.88 26.56
C TYR D 112 4.14 8.61 27.73
N LYS D 113 4.34 9.93 27.82
CA LYS D 113 3.70 10.73 28.86
C LYS D 113 2.43 11.31 28.29
N VAL D 114 1.31 10.94 28.89
CA VAL D 114 0.00 11.36 28.40
C VAL D 114 -0.44 12.57 29.24
N VAL D 115 -0.81 13.64 28.54
CA VAL D 115 -1.27 14.87 29.17
C VAL D 115 -2.63 15.20 28.60
N VAL D 116 -3.62 15.35 29.47
CA VAL D 116 -4.99 15.64 29.03
C VAL D 116 -5.47 16.97 29.60
N ASN D 117 -5.84 17.86 28.70
CA ASN D 117 -6.27 19.23 29.02
C ASN D 117 -5.28 19.97 29.91
N GLY D 118 -4.01 19.74 29.63
CA GLY D 118 -2.91 20.34 30.40
C GLY D 118 -2.48 19.62 31.65
N ASN D 119 -3.24 18.59 32.04
CA ASN D 119 -2.97 17.84 33.27
C ASN D 119 -2.22 16.53 32.98
N PRO D 120 -0.99 16.35 33.51
CA PRO D 120 -0.34 15.03 33.39
C PRO D 120 -1.26 13.91 33.88
N PHE D 121 -1.38 12.86 33.07
CA PHE D 121 -2.37 11.82 33.32
C PHE D 121 -1.77 10.43 33.53
N TYR D 122 -0.81 10.06 32.70
CA TYR D 122 -0.24 8.71 32.76
C TYR D 122 1.08 8.63 32.06
N GLU D 123 1.91 7.70 32.50
CA GLU D 123 3.17 7.39 31.86
C GLU D 123 3.17 5.90 31.49
N TYR D 124 3.05 5.62 30.20
CA TYR D 124 3.01 4.23 29.70
C TYR D 124 4.39 3.80 29.24
N GLY D 125 5.00 2.90 30.00
CA GLY D 125 6.35 2.41 29.70
C GLY D 125 6.40 1.66 28.39
N HIS D 126 7.45 1.89 27.62
CA HIS D 126 7.57 1.26 26.29
C HIS D 126 7.68 -0.25 26.42
N ARG D 127 6.90 -0.93 25.60
CA ARG D 127 6.97 -2.40 25.49
C ARG D 127 7.59 -2.81 24.17
N LEU D 128 7.17 -2.15 23.09
CA LEU D 128 7.82 -2.28 21.78
C LEU D 128 8.71 -1.05 21.58
N PRO D 129 9.87 -1.22 20.94
CA PRO D 129 10.73 -0.08 20.64
C PRO D 129 9.98 1.00 19.87
N LEU D 130 9.97 2.20 20.41
CA LEU D 130 9.12 3.28 19.87
C LEU D 130 9.47 3.64 18.42
N GLN D 131 10.72 3.45 18.02
CA GLN D 131 11.14 3.75 16.63
C GLN D 131 10.45 2.87 15.61
N MET D 132 9.88 1.77 16.05
CA MET D 132 9.17 0.88 15.13
C MET D 132 7.86 1.49 14.70
N VAL D 133 7.37 2.48 15.44
CA VAL D 133 6.06 3.07 15.15
C VAL D 133 6.12 3.95 13.89
N THR D 134 5.20 3.72 12.99
CA THR D 134 5.15 4.45 11.71
C THR D 134 3.88 5.23 11.52
N HIS D 135 2.80 4.79 12.16
CA HIS D 135 1.46 5.33 11.93
C HIS D 135 0.72 5.63 13.22
N LEU D 136 -0.17 6.61 13.11
CA LEU D 136 -1.11 6.94 14.15
C LEU D 136 -2.51 6.60 13.68
N GLN D 137 -3.23 5.85 14.51
CA GLN D 137 -4.62 5.47 14.22
C GLN D 137 -5.55 5.94 15.33
N VAL D 138 -6.65 6.57 14.92
CA VAL D 138 -7.62 7.14 15.87
C VAL D 138 -9.02 6.80 15.38
N ASP D 139 -9.85 6.31 16.30
CA ASP D 139 -11.24 6.01 15.97
C ASP D 139 -12.07 5.92 17.24
N GLY D 140 -13.38 5.94 17.06
CA GLY D 140 -14.35 5.72 18.12
C GLY D 140 -15.33 6.88 18.26
N ASP D 141 -15.81 7.07 19.47
CA ASP D 141 -16.94 7.99 19.74
C ASP D 141 -16.46 9.41 20.05
N LEU D 142 -15.99 10.06 19.00
CA LEU D 142 -15.47 11.41 19.08
C LEU D 142 -15.48 12.09 17.73
N GLN D 143 -15.38 13.41 17.75
CA GLN D 143 -15.07 14.19 16.54
C GLN D 143 -13.63 14.66 16.63
N LEU D 144 -12.91 14.57 15.53
CA LEU D 144 -11.53 15.03 15.46
C LEU D 144 -11.46 16.46 14.90
N GLN D 145 -10.82 17.37 15.63
CA GLN D 145 -10.58 18.74 15.12
C GLN D 145 -9.22 18.87 14.45
N SER D 146 -8.19 18.32 15.07
CA SER D 146 -6.83 18.36 14.50
C SER D 146 -5.89 17.36 15.14
N ILE D 147 -4.91 16.95 14.35
CA ILE D 147 -3.80 16.13 14.82
C ILE D 147 -2.49 16.70 14.32
N ASN D 148 -1.57 16.93 15.25
CA ASN D 148 -0.27 17.52 14.92
C ASN D 148 0.88 16.76 15.53
N PHE D 149 1.93 16.61 14.73
CA PHE D 149 3.17 15.98 15.15
C PHE D 149 4.25 17.02 15.34
N ILE D 150 4.84 17.01 16.52
CA ILE D 150 5.78 18.07 16.90
C ILE D 150 7.11 17.48 17.28
N GLY D 151 8.18 18.19 16.90
CA GLY D 151 9.49 18.00 17.49
C GLY D 151 10.13 16.83 16.81
C1 GOL E . -2.67 6.06 -9.07
O1 GOL E . -2.77 6.57 -7.73
C2 GOL E . -1.51 5.09 -9.18
O2 GOL E . -1.74 3.98 -8.30
C3 GOL E . -1.35 4.56 -10.62
O3 GOL E . -2.59 4.09 -11.20
C1 GOL F . 6.82 -0.88 -2.94
O1 GOL F . 6.11 -2.01 -2.39
C2 GOL F . 5.86 0.30 -3.14
O2 GOL F . 5.27 0.62 -1.87
C3 GOL F . 6.52 1.55 -3.76
O3 GOL F . 7.75 1.95 -3.13
C1 GOL G . -10.07 -11.34 15.10
O1 GOL G . -11.23 -11.50 15.90
C2 GOL G . -8.98 -10.63 15.89
O2 GOL G . -8.91 -11.16 17.21
C3 GOL G . -7.63 -10.81 15.19
O3 GOL G . -7.19 -12.18 15.23
C1 GOL H . -8.59 -3.44 23.15
O1 GOL H . -9.43 -2.32 23.43
C2 GOL H . -8.23 -3.87 24.55
O2 GOL H . -9.06 -4.98 24.88
C3 GOL H . -6.78 -4.23 24.69
O3 GOL H . -6.44 -4.36 26.06
#